data_6W1B
#
_entry.id   6W1B
#
_cell.length_a   90.335
_cell.length_b   169.527
_cell.length_c   73.714
_cell.angle_alpha   90.000
_cell.angle_beta   126.897
_cell.angle_gamma   90.000
#
_symmetry.space_group_name_H-M   'C 1 2 1'
#
loop_
_entity.id
_entity.type
_entity.pdbx_description
1 polymer 'Pulmonary surfactant-associated protein B'
2 non-polymer 1,2-dioleoyl-sn-glycero-3-phosphoethanolamine
3 water water
#
_entity_poly.entity_id   1
_entity_poly.type   'polypeptide(L)'
_entity_poly.pdbx_seq_one_letter_code
;SHAGANDLCQECEDIVHLLTKMTKEDAFQEAIRKFLEQECDILPLKLLVPRCRQVLDVALPLVIDYFQSQINPKAICNAV
GLCPRGQ
;
_entity_poly.pdbx_strand_id   A,E,B,C,D,F,G,H
#
# COMPACT_ATOMS: atom_id res chain seq x y z
N ASP A 7 37.38 -4.49 -20.26
CA ASP A 7 36.18 -4.25 -21.05
C ASP A 7 34.94 -4.52 -20.21
N LEU A 8 33.91 -3.69 -20.37
CA LEU A 8 32.73 -3.78 -19.51
C LEU A 8 31.76 -4.86 -19.95
N CYS A 9 31.74 -5.22 -21.24
CA CYS A 9 30.75 -6.18 -21.70
C CYS A 9 31.10 -7.59 -21.24
N GLN A 10 32.38 -7.96 -21.30
CA GLN A 10 32.80 -9.27 -20.82
C GLN A 10 32.57 -9.38 -19.32
N GLU A 11 32.88 -8.32 -18.58
CA GLU A 11 32.67 -8.29 -17.14
C GLU A 11 31.19 -8.44 -16.81
N CYS A 12 30.33 -7.74 -17.55
CA CYS A 12 28.89 -7.87 -17.33
C CYS A 12 28.42 -9.29 -17.61
N GLU A 13 28.89 -9.89 -18.70
CA GLU A 13 28.52 -11.26 -19.00
C GLU A 13 28.94 -12.21 -17.88
N ASP A 14 30.16 -12.00 -17.34
CA ASP A 14 30.62 -12.83 -16.24
C ASP A 14 29.74 -12.66 -15.01
N ILE A 15 29.35 -11.41 -14.72
CA ILE A 15 28.48 -11.17 -13.56
C ILE A 15 27.14 -11.88 -13.74
N VAL A 16 26.56 -11.81 -14.94
CA VAL A 16 25.27 -12.46 -15.16
C VAL A 16 25.40 -13.97 -15.05
N HIS A 17 26.49 -14.52 -15.59
CA HIS A 17 26.72 -15.96 -15.48
C HIS A 17 26.83 -16.37 -14.01
N LEU A 18 27.58 -15.60 -13.23
CA LEU A 18 27.71 -15.88 -11.80
C LEU A 18 26.36 -15.78 -11.10
N LEU A 19 25.56 -14.78 -11.46
CA LEU A 19 24.25 -14.64 -10.82
C LEU A 19 23.36 -15.84 -11.10
N THR A 20 23.33 -16.30 -12.35
CA THR A 20 22.53 -17.48 -12.68
C THR A 20 23.03 -18.71 -11.92
N LYS A 21 24.35 -18.93 -11.93
CA LYS A 21 24.88 -20.07 -11.19
C LYS A 21 24.53 -20.00 -9.71
N MET A 22 24.60 -18.81 -9.13
CA MET A 22 24.36 -18.64 -7.70
C MET A 22 22.89 -18.86 -7.38
N THR A 23 22.00 -18.40 -8.25
CA THR A 23 20.56 -18.54 -8.03
C THR A 23 20.11 -19.99 -8.09
N LYS A 24 20.93 -20.88 -8.66
CA LYS A 24 20.61 -22.30 -8.68
C LYS A 24 21.05 -22.97 -7.38
N GLU A 25 21.00 -22.24 -6.27
CA GLU A 25 21.34 -22.77 -4.95
C GLU A 25 20.37 -22.19 -3.94
N ASP A 26 19.81 -23.07 -3.10
CA ASP A 26 18.78 -22.62 -2.15
C ASP A 26 19.37 -21.81 -1.02
N ALA A 27 20.60 -22.11 -0.61
CA ALA A 27 21.26 -21.30 0.42
C ALA A 27 21.36 -19.85 -0.01
N PHE A 28 21.68 -19.61 -1.28
CA PHE A 28 21.73 -18.24 -1.79
C PHE A 28 20.38 -17.55 -1.63
N GLN A 29 19.31 -18.21 -2.07
CA GLN A 29 17.99 -17.61 -1.97
C GLN A 29 17.65 -17.29 -0.52
N GLU A 30 17.92 -18.23 0.39
CA GLU A 30 17.59 -18.00 1.79
C GLU A 30 18.38 -16.84 2.36
N ALA A 31 19.68 -16.79 2.07
CA ALA A 31 20.53 -15.71 2.61
C ALA A 31 20.06 -14.35 2.09
N ILE A 32 19.81 -14.25 0.79
CA ILE A 32 19.40 -12.97 0.22
C ILE A 32 18.04 -12.56 0.78
N ARG A 33 17.12 -13.52 0.92
CA ARG A 33 15.81 -13.23 1.48
C ARG A 33 15.92 -12.69 2.90
N LYS A 34 16.72 -13.36 3.75
CA LYS A 34 16.86 -12.88 5.12
C LYS A 34 17.50 -11.50 5.15
N PHE A 35 18.56 -11.28 4.36
CA PHE A 35 19.21 -9.98 4.35
C PHE A 35 18.23 -8.88 3.94
N LEU A 36 17.46 -9.11 2.86
CA LEU A 36 16.55 -8.07 2.39
C LEU A 36 15.37 -7.89 3.34
N GLU A 37 14.92 -8.95 3.99
CA GLU A 37 13.87 -8.80 5.00
C GLU A 37 14.35 -7.94 6.15
N GLN A 38 15.61 -8.15 6.58
CA GLN A 38 16.19 -7.28 7.59
C GLN A 38 16.27 -5.84 7.11
N GLU A 39 16.73 -5.64 5.87
CA GLU A 39 16.91 -4.29 5.35
C GLU A 39 15.57 -3.57 5.19
N CYS A 40 14.49 -4.30 4.94
CA CYS A 40 13.19 -3.66 4.77
C CYS A 40 12.72 -3.00 6.06
N ASP A 41 13.18 -3.48 7.21
CA ASP A 41 12.73 -2.96 8.50
C ASP A 41 13.53 -1.75 8.98
N ILE A 42 14.66 -1.44 8.34
CA ILE A 42 15.53 -0.36 8.76
C ILE A 42 15.73 0.60 7.58
N LEU A 43 16.34 1.74 7.86
CA LEU A 43 16.73 2.64 6.78
C LEU A 43 17.89 2.03 5.99
N PRO A 44 18.01 2.37 4.70
CA PRO A 44 17.14 3.32 3.98
C PRO A 44 15.88 2.71 3.36
N LEU A 45 15.86 1.40 3.15
CA LEU A 45 14.75 0.79 2.41
C LEU A 45 13.41 1.02 3.09
N LYS A 46 13.39 1.08 4.42
CA LYS A 46 12.13 1.29 5.12
C LYS A 46 11.41 2.54 4.62
N LEU A 47 12.17 3.57 4.24
CA LEU A 47 11.60 4.84 3.82
C LEU A 47 11.47 4.97 2.30
N LEU A 48 12.38 4.37 1.53
CA LEU A 48 12.37 4.53 0.09
C LEU A 48 11.41 3.57 -0.61
N VAL A 49 11.05 2.47 0.04
CA VAL A 49 10.17 1.47 -0.56
C VAL A 49 9.01 1.18 0.39
N PRO A 50 7.86 1.83 0.24
CA PRO A 50 6.74 1.50 1.11
C PRO A 50 6.43 0.01 1.06
N ARG A 51 5.59 -0.43 1.99
CA ARG A 51 5.24 -1.84 2.12
C ARG A 51 6.40 -2.73 1.69
N CYS A 52 7.60 -2.43 2.21
CA CYS A 52 8.81 -3.08 1.72
C CYS A 52 8.75 -4.60 1.84
N ARG A 53 8.28 -5.12 2.98
CA ARG A 53 8.32 -6.55 3.20
C ARG A 53 7.45 -7.30 2.20
N GLN A 54 6.26 -6.78 1.93
CA GLN A 54 5.37 -7.42 0.96
C GLN A 54 5.94 -7.33 -0.45
N VAL A 55 6.46 -6.15 -0.81
CA VAL A 55 7.12 -5.99 -2.11
C VAL A 55 8.23 -7.03 -2.25
N LEU A 56 9.01 -7.24 -1.20
CA LEU A 56 10.08 -8.22 -1.25
C LEU A 56 9.53 -9.62 -1.45
N ASP A 57 8.56 -10.01 -0.61
CA ASP A 57 7.99 -11.34 -0.70
C ASP A 57 7.46 -11.62 -2.10
N VAL A 58 6.96 -10.60 -2.79
CA VAL A 58 6.41 -10.83 -4.12
C VAL A 58 7.50 -10.78 -5.18
N ALA A 59 8.48 -9.90 -5.04
CA ALA A 59 9.43 -9.63 -6.11
C ALA A 59 10.63 -10.56 -6.11
N LEU A 60 11.19 -10.88 -4.94
CA LEU A 60 12.39 -11.70 -4.89
C LEU A 60 12.23 -13.01 -5.64
N PRO A 61 11.13 -13.77 -5.49
CA PRO A 61 10.97 -14.97 -6.33
C PRO A 61 10.95 -14.66 -7.81
N LEU A 62 10.33 -13.54 -8.20
CA LEU A 62 10.32 -13.16 -9.60
C LEU A 62 11.74 -12.97 -10.12
N VAL A 63 12.58 -12.27 -9.35
CA VAL A 63 13.96 -12.02 -9.79
C VAL A 63 14.75 -13.32 -9.83
N ILE A 64 14.55 -14.18 -8.83
CA ILE A 64 15.25 -15.46 -8.82
C ILE A 64 14.90 -16.26 -10.07
N ASP A 65 13.61 -16.36 -10.40
CA ASP A 65 13.20 -17.08 -11.59
C ASP A 65 13.76 -16.41 -12.85
N TYR A 66 13.70 -15.08 -12.89
CA TYR A 66 14.21 -14.33 -14.03
C TYR A 66 15.66 -14.70 -14.31
N PHE A 67 16.48 -14.75 -13.26
CA PHE A 67 17.89 -15.08 -13.45
C PHE A 67 18.11 -16.58 -13.64
N GLN A 68 17.18 -17.41 -13.20
CA GLN A 68 17.26 -18.85 -13.43
C GLN A 68 16.71 -19.25 -14.80
N SER A 69 16.17 -18.31 -15.57
CA SER A 69 15.58 -18.61 -16.87
C SER A 69 16.27 -17.91 -18.03
N GLN A 70 16.96 -16.81 -17.80
CA GLN A 70 17.66 -16.09 -18.86
C GLN A 70 18.62 -17.03 -19.59
N ILE A 71 18.41 -17.17 -20.90
CA ILE A 71 19.26 -18.02 -21.72
C ILE A 71 20.16 -17.21 -22.64
N ASN A 72 20.62 -16.05 -22.17
CA ASN A 72 21.42 -15.17 -23.02
C ASN A 72 21.97 -14.00 -22.21
N PRO A 73 23.17 -14.13 -21.63
CA PRO A 73 23.70 -13.01 -20.83
C PRO A 73 23.89 -11.74 -21.64
N LYS A 74 24.36 -11.88 -22.89
CA LYS A 74 24.64 -10.71 -23.71
C LYS A 74 23.38 -9.87 -23.88
N ALA A 75 22.23 -10.53 -24.03
CA ALA A 75 20.97 -9.81 -24.16
C ALA A 75 20.74 -8.90 -22.95
N ILE A 76 20.91 -9.43 -21.75
CA ILE A 76 20.69 -8.64 -20.55
C ILE A 76 21.69 -7.48 -20.49
N CYS A 77 22.97 -7.78 -20.76
CA CYS A 77 23.98 -6.72 -20.70
C CYS A 77 23.73 -5.64 -21.74
N ASN A 78 23.11 -5.99 -22.87
CA ASN A 78 22.71 -4.98 -23.84
C ASN A 78 21.49 -4.20 -23.35
N ALA A 79 20.56 -4.89 -22.69
CA ALA A 79 19.38 -4.21 -22.16
C ALA A 79 19.77 -3.16 -21.14
N VAL A 80 20.87 -3.40 -20.41
CA VAL A 80 21.36 -2.42 -19.44
C VAL A 80 22.29 -1.41 -20.10
N GLY A 81 22.76 -1.66 -21.31
CA GLY A 81 23.60 -0.74 -22.03
C GLY A 81 25.10 -1.03 -21.98
N LEU A 82 25.49 -2.24 -21.58
CA LEU A 82 26.90 -2.59 -21.47
C LEU A 82 27.43 -3.37 -22.66
N CYS A 83 26.57 -3.90 -23.51
CA CYS A 83 26.98 -4.62 -24.71
C CYS A 83 26.12 -4.16 -25.88
N PRO A 84 26.57 -4.41 -27.12
CA PRO A 84 25.75 -4.11 -28.29
C PRO A 84 24.88 -5.30 -28.72
N ASP B 7 32.24 -22.52 -3.83
CA ASP B 7 30.93 -22.34 -3.24
C ASP B 7 30.48 -20.89 -3.40
N LEU B 8 29.41 -20.50 -2.72
CA LEU B 8 28.82 -19.19 -2.96
C LEU B 8 29.70 -18.05 -2.48
N CYS B 9 30.65 -18.31 -1.59
CA CYS B 9 31.46 -17.21 -1.06
C CYS B 9 32.47 -16.73 -2.10
N GLN B 10 33.12 -17.66 -2.80
CA GLN B 10 34.05 -17.27 -3.85
C GLN B 10 33.32 -16.58 -4.99
N GLU B 11 32.14 -17.09 -5.35
CA GLU B 11 31.34 -16.47 -6.41
C GLU B 11 30.92 -15.05 -6.03
N CYS B 12 30.49 -14.86 -4.78
CA CYS B 12 30.12 -13.52 -4.33
C CYS B 12 31.32 -12.58 -4.34
N GLU B 13 32.47 -13.06 -3.88
CA GLU B 13 33.66 -12.22 -3.91
C GLU B 13 34.01 -11.83 -5.34
N ASP B 14 33.89 -12.78 -6.28
CA ASP B 14 34.16 -12.46 -7.68
C ASP B 14 33.20 -11.42 -8.21
N ILE B 15 31.92 -11.53 -7.85
CA ILE B 15 30.95 -10.53 -8.31
C ILE B 15 31.30 -9.16 -7.77
N VAL B 16 31.66 -9.08 -6.49
CA VAL B 16 31.99 -7.78 -5.90
C VAL B 16 33.26 -7.21 -6.53
N HIS B 17 34.25 -8.07 -6.79
CA HIS B 17 35.48 -7.62 -7.44
C HIS B 17 35.18 -7.06 -8.83
N LEU B 18 34.34 -7.76 -9.59
CA LEU B 18 33.97 -7.27 -10.92
C LEU B 18 33.23 -5.95 -10.83
N LEU B 19 32.33 -5.81 -9.85
CA LEU B 19 31.61 -4.54 -9.70
C LEU B 19 32.58 -3.40 -9.37
N THR B 20 33.54 -3.67 -8.48
CA THR B 20 34.54 -2.66 -8.16
C THR B 20 35.32 -2.26 -9.40
N LYS B 21 35.73 -3.25 -10.20
CA LYS B 21 36.44 -2.95 -11.45
C LYS B 21 35.57 -2.11 -12.38
N MET B 22 34.28 -2.42 -12.46
CA MET B 22 33.40 -1.74 -13.40
C MET B 22 33.16 -0.29 -12.98
N THR B 23 33.01 -0.05 -11.68
CA THR B 23 32.68 1.27 -11.19
C THR B 23 33.78 2.29 -11.45
N LYS B 24 34.99 1.84 -11.80
CA LYS B 24 36.07 2.77 -12.10
C LYS B 24 35.95 3.34 -13.51
N GLU B 25 35.16 2.70 -14.37
CA GLU B 25 34.93 3.19 -15.73
C GLU B 25 33.68 4.06 -15.73
N ASP B 26 33.78 5.24 -16.34
CA ASP B 26 32.68 6.20 -16.30
C ASP B 26 31.53 5.79 -17.22
N ALA B 27 31.85 5.12 -18.33
CA ALA B 27 30.81 4.63 -19.22
C ALA B 27 29.82 3.76 -18.46
N PHE B 28 30.32 2.94 -17.53
CA PHE B 28 29.43 2.13 -16.70
C PHE B 28 28.45 2.99 -15.93
N GLN B 29 28.94 4.03 -15.26
CA GLN B 29 28.07 4.90 -14.49
C GLN B 29 27.00 5.52 -15.39
N GLU B 30 27.41 6.03 -16.54
CA GLU B 30 26.44 6.67 -17.44
C GLU B 30 25.40 5.67 -17.93
N ALA B 31 25.85 4.47 -18.32
CA ALA B 31 24.91 3.46 -18.81
C ALA B 31 23.90 3.08 -17.74
N ILE B 32 24.38 2.85 -16.51
CA ILE B 32 23.48 2.47 -15.43
C ILE B 32 22.50 3.61 -15.15
N ARG B 33 22.97 4.85 -15.18
CA ARG B 33 22.07 5.98 -15.00
C ARG B 33 20.99 6.00 -16.07
N LYS B 34 21.39 5.79 -17.32
CA LYS B 34 20.42 5.80 -18.43
C LYS B 34 19.38 4.71 -18.22
N PHE B 35 19.83 3.49 -17.93
CA PHE B 35 18.90 2.38 -17.75
C PHE B 35 17.95 2.64 -16.59
N LEU B 36 18.47 3.10 -15.45
CA LEU B 36 17.62 3.30 -14.28
C LEU B 36 16.68 4.47 -14.45
N GLU B 37 17.10 5.53 -15.16
CA GLU B 37 16.18 6.62 -15.46
C GLU B 37 15.05 6.12 -16.34
N GLN B 38 15.36 5.26 -17.31
CA GLN B 38 14.32 4.62 -18.10
C GLN B 38 13.36 3.84 -17.20
N GLU B 39 13.91 3.03 -16.30
CA GLU B 39 13.07 2.15 -15.48
C GLU B 39 12.22 2.94 -14.49
N CYS B 40 12.71 4.09 -14.03
CA CYS B 40 11.96 4.88 -13.06
C CYS B 40 10.67 5.43 -13.62
N ASP B 41 10.56 5.62 -14.94
CA ASP B 41 9.38 6.21 -15.55
C ASP B 41 8.28 5.20 -15.86
N ILE B 42 8.57 3.89 -15.78
CA ILE B 42 7.60 2.87 -16.12
C ILE B 42 7.43 1.94 -14.93
N LEU B 43 6.44 1.05 -15.03
CA LEU B 43 6.27 0.02 -14.03
C LEU B 43 7.38 -1.02 -14.16
N PRO B 44 7.75 -1.69 -13.05
CA PRO B 44 7.14 -1.58 -11.72
C PRO B 44 7.71 -0.47 -10.85
N LEU B 45 8.94 0.00 -11.15
CA LEU B 45 9.61 0.92 -10.25
C LEU B 45 8.81 2.20 -10.05
N LYS B 46 8.06 2.64 -11.07
CA LYS B 46 7.30 3.87 -10.94
C LYS B 46 6.39 3.83 -9.73
N LEU B 47 5.86 2.66 -9.39
CA LEU B 47 4.96 2.49 -8.26
C LEU B 47 5.66 2.01 -7.00
N LEU B 48 6.72 1.22 -7.13
CA LEU B 48 7.38 0.65 -5.96
C LEU B 48 8.34 1.62 -5.30
N VAL B 49 8.79 2.65 -6.01
CA VAL B 49 9.73 3.62 -5.46
C VAL B 49 9.16 5.02 -5.68
N PRO B 50 8.42 5.57 -4.72
CA PRO B 50 7.89 6.93 -4.87
C PRO B 50 9.01 7.91 -5.15
N ARG B 51 8.84 8.74 -6.18
CA ARG B 51 9.86 9.70 -6.59
C ARG B 51 11.15 8.98 -6.97
N CYS B 52 11.01 8.00 -7.87
CA CYS B 52 12.11 7.13 -8.25
C CYS B 52 13.31 7.91 -8.77
N ARG B 53 13.07 8.90 -9.63
CA ARG B 53 14.18 9.61 -10.25
C ARG B 53 15.05 10.32 -9.22
N GLN B 54 14.42 10.97 -8.24
CA GLN B 54 15.20 11.67 -7.21
C GLN B 54 15.98 10.68 -6.35
N VAL B 55 15.33 9.58 -5.93
CA VAL B 55 16.03 8.56 -5.16
C VAL B 55 17.24 8.06 -5.93
N LEU B 56 17.08 7.85 -7.23
CA LEU B 56 18.20 7.40 -8.05
C LEU B 56 19.32 8.43 -8.06
N ASP B 57 18.98 9.69 -8.37
CA ASP B 57 20.01 10.72 -8.39
C ASP B 57 20.77 10.81 -7.07
N VAL B 58 20.11 10.51 -5.95
CA VAL B 58 20.79 10.62 -4.67
C VAL B 58 21.62 9.38 -4.37
N ALA B 59 21.11 8.19 -4.73
CA ALA B 59 21.73 6.95 -4.30
C ALA B 59 22.82 6.46 -5.23
N LEU B 60 22.64 6.58 -6.54
CA LEU B 60 23.62 6.04 -7.47
C LEU B 60 25.03 6.56 -7.21
N PRO B 61 25.25 7.86 -7.00
CA PRO B 61 26.62 8.31 -6.69
C PRO B 61 27.16 7.70 -5.40
N LEU B 62 26.31 7.58 -4.37
CA LEU B 62 26.74 6.97 -3.12
C LEU B 62 27.19 5.54 -3.34
N VAL B 63 26.42 4.77 -4.11
CA VAL B 63 26.78 3.37 -4.36
C VAL B 63 28.05 3.28 -5.18
N ILE B 64 28.19 4.16 -6.18
CA ILE B 64 29.41 4.16 -6.99
C ILE B 64 30.62 4.41 -6.12
N ASP B 65 30.56 5.43 -5.25
CA ASP B 65 31.68 5.71 -4.36
C ASP B 65 31.93 4.54 -3.41
N TYR B 66 30.86 3.97 -2.85
CA TYR B 66 30.98 2.85 -1.93
C TYR B 66 31.76 1.71 -2.58
N PHE B 67 31.45 1.41 -3.84
CA PHE B 67 32.16 0.34 -4.54
C PHE B 67 33.53 0.77 -5.03
N GLN B 68 33.77 2.07 -5.20
CA GLN B 68 35.08 2.57 -5.60
C GLN B 68 36.04 2.74 -4.42
N SER B 69 35.56 2.57 -3.20
CA SER B 69 36.37 2.73 -2.00
C SER B 69 36.40 1.42 -1.21
N GLN B 70 36.22 0.31 -1.91
CA GLN B 70 36.18 -1.01 -1.31
C GLN B 70 37.54 -1.66 -1.41
N ILE B 71 38.15 -1.94 -0.26
CA ILE B 71 39.45 -2.59 -0.21
C ILE B 71 39.36 -4.11 -0.12
N ASN B 72 38.18 -4.65 0.19
CA ASN B 72 38.04 -6.08 0.43
C ASN B 72 36.63 -6.56 0.15
N PRO B 73 36.40 -7.28 -0.95
CA PRO B 73 35.03 -7.73 -1.26
C PRO B 73 34.42 -8.54 -0.14
N LYS B 74 35.23 -9.27 0.64
CA LYS B 74 34.71 -10.19 1.63
C LYS B 74 33.70 -9.51 2.54
N ALA B 75 33.95 -8.25 2.91
CA ALA B 75 33.05 -7.55 3.81
C ALA B 75 31.63 -7.57 3.30
N ILE B 76 31.44 -7.18 2.03
CA ILE B 76 30.09 -7.17 1.47
C ILE B 76 29.48 -8.55 1.53
N CYS B 77 30.26 -9.56 1.10
CA CYS B 77 29.73 -10.91 1.09
C CYS B 77 29.43 -11.40 2.50
N ASN B 78 30.16 -10.89 3.50
CA ASN B 78 29.82 -11.23 4.88
C ASN B 78 28.58 -10.50 5.32
N ALA B 79 28.41 -9.24 4.88
CA ALA B 79 27.25 -8.47 5.29
C ALA B 79 25.95 -9.12 4.79
N VAL B 80 25.99 -9.76 3.61
CA VAL B 80 24.80 -10.41 3.08
C VAL B 80 24.64 -11.85 3.53
N GLY B 81 25.68 -12.45 4.10
CA GLY B 81 25.60 -13.79 4.63
C GLY B 81 26.12 -14.91 3.75
N LEU B 82 26.91 -14.59 2.72
CA LEU B 82 27.45 -15.59 1.82
C LEU B 82 28.88 -15.99 2.16
N CYS B 83 29.54 -15.26 3.05
CA CYS B 83 30.87 -15.61 3.52
C CYS B 83 30.87 -15.53 5.04
N PRO B 84 31.60 -16.43 5.71
CA PRO B 84 31.54 -16.48 7.19
C PRO B 84 32.33 -15.37 7.86
N ARG B 85 33.08 -14.57 7.11
CA ARG B 85 33.90 -13.51 7.68
C ARG B 85 34.18 -12.49 6.59
N GLY B 86 34.51 -11.27 7.02
CA GLY B 86 34.81 -10.21 6.07
C GLY B 86 34.69 -8.80 6.64
N GLN B 87 33.76 -8.59 7.55
CA GLN B 87 33.58 -7.27 8.16
C GLN B 87 34.50 -7.12 9.38
N LEU C 8 12.00 23.38 30.58
CA LEU C 8 11.58 23.97 29.31
C LEU C 8 10.96 22.91 28.40
N CYS C 9 10.49 21.81 28.99
CA CYS C 9 9.90 20.73 28.20
C CYS C 9 8.57 21.15 27.61
N GLN C 10 7.78 21.92 28.35
CA GLN C 10 6.49 22.38 27.85
C GLN C 10 6.66 23.26 26.63
N GLU C 11 7.72 24.08 26.60
CA GLU C 11 7.95 24.93 25.43
C GLU C 11 8.21 24.08 24.18
N CYS C 12 9.03 23.03 24.31
CA CYS C 12 9.27 22.14 23.19
C CYS C 12 7.97 21.46 22.75
N GLU C 13 7.16 21.04 23.73
CA GLU C 13 5.87 20.43 23.39
C GLU C 13 5.00 21.41 22.62
N ASP C 14 5.02 22.68 23.02
CA ASP C 14 4.24 23.70 22.30
C ASP C 14 4.76 23.88 20.88
N ILE C 15 6.07 23.88 20.69
CA ILE C 15 6.61 24.01 19.34
C ILE C 15 6.15 22.84 18.48
N VAL C 16 6.20 21.62 19.02
CA VAL C 16 5.80 20.46 18.24
C VAL C 16 4.31 20.53 17.91
N HIS C 17 3.49 20.98 18.87
CA HIS C 17 2.07 21.14 18.63
C HIS C 17 1.83 22.17 17.52
N LEU C 18 2.55 23.29 17.55
CA LEU C 18 2.43 24.28 16.49
C LEU C 18 2.82 23.70 15.14
N LEU C 19 3.90 22.90 15.10
CA LEU C 19 4.28 22.29 13.83
C LEU C 19 3.18 21.36 13.31
N THR C 20 2.59 20.55 14.19
CA THR C 20 1.51 19.68 13.77
C THR C 20 0.33 20.50 13.23
N LYS C 21 -0.06 21.55 13.94
CA LYS C 21 -1.14 22.41 13.45
C LYS C 21 -0.78 23.01 12.09
N MET C 22 0.48 23.41 11.91
CA MET C 22 0.88 24.08 10.68
C MET C 22 0.90 23.13 9.50
N THR C 23 1.33 21.89 9.73
CA THR C 23 1.47 20.93 8.64
C THR C 23 0.13 20.50 8.05
N LYS C 24 -0.99 20.68 8.77
CA LYS C 24 -2.29 20.33 8.22
C LYS C 24 -2.84 21.46 7.37
N GLU C 25 -1.96 22.22 6.72
CA GLU C 25 -2.36 23.32 5.85
C GLU C 25 -1.45 23.32 4.64
N ASP C 26 -2.04 23.39 3.44
CA ASP C 26 -1.25 23.23 2.22
C ASP C 26 -0.41 24.47 1.93
N ALA C 27 -0.89 25.65 2.31
CA ALA C 27 -0.08 26.86 2.10
C ALA C 27 1.26 26.73 2.81
N PHE C 28 1.26 26.18 4.03
CA PHE C 28 2.51 25.97 4.75
C PHE C 28 3.44 25.03 3.98
N GLN C 29 2.90 23.89 3.53
CA GLN C 29 3.71 22.93 2.81
C GLN C 29 4.33 23.55 1.56
N GLU C 30 3.52 24.27 0.78
CA GLU C 30 4.02 24.88 -0.44
C GLU C 30 5.07 25.94 -0.15
N ALA C 31 4.83 26.79 0.86
CA ALA C 31 5.79 27.82 1.20
C ALA C 31 7.12 27.22 1.61
N ILE C 32 7.08 26.18 2.45
CA ILE C 32 8.32 25.55 2.89
C ILE C 32 9.03 24.92 1.69
N ARG C 33 8.26 24.29 0.79
CA ARG C 33 8.86 23.70 -0.39
C ARG C 33 9.58 24.75 -1.23
N LYS C 34 8.92 25.89 -1.48
CA LYS C 34 9.57 26.94 -2.27
C LYS C 34 10.81 27.47 -1.59
N PHE C 35 10.73 27.75 -0.28
CA PHE C 35 11.89 28.28 0.42
C PHE C 35 13.06 27.31 0.34
N LEU C 36 12.80 26.02 0.59
CA LEU C 36 13.87 25.04 0.59
C LEU C 36 14.40 24.79 -0.81
N GLU C 37 13.57 24.86 -1.84
CA GLU C 37 14.06 24.75 -3.21
C GLU C 37 14.99 25.92 -3.55
N GLN C 38 14.59 27.12 -3.14
CA GLN C 38 15.47 28.28 -3.33
C GLN C 38 16.80 28.06 -2.63
N GLU C 39 16.76 27.61 -1.38
CA GLU C 39 18.01 27.42 -0.65
C GLU C 39 18.84 26.30 -1.27
N CYS C 40 18.17 25.29 -1.84
CA CYS C 40 18.90 24.22 -2.50
C CYS C 40 19.59 24.71 -3.77
N ASP C 41 19.06 25.77 -4.39
CA ASP C 41 19.67 26.25 -5.62
C ASP C 41 20.80 27.26 -5.39
N ILE C 42 20.99 27.74 -4.16
CA ILE C 42 22.01 28.75 -3.89
C ILE C 42 22.95 28.24 -2.79
N LEU C 43 24.03 28.98 -2.59
CA LEU C 43 24.92 28.71 -1.49
C LEU C 43 24.27 29.17 -0.18
N PRO C 44 24.62 28.53 0.96
CA PRO C 44 25.59 27.43 1.11
C PRO C 44 24.98 26.04 0.92
N LEU C 45 23.66 25.92 1.08
CA LEU C 45 23.04 24.61 1.12
C LEU C 45 23.29 23.81 -0.15
N LYS C 46 23.39 24.49 -1.30
CA LYS C 46 23.61 23.78 -2.56
C LYS C 46 24.86 22.90 -2.49
N LEU C 47 25.87 23.33 -1.74
CA LEU C 47 27.13 22.60 -1.62
C LEU C 47 27.20 21.72 -0.39
N LEU C 48 26.51 22.08 0.70
CA LEU C 48 26.58 21.31 1.93
C LEU C 48 25.72 20.05 1.87
N VAL C 49 24.78 20.01 0.94
CA VAL C 49 23.91 18.86 0.75
C VAL C 49 23.95 18.47 -0.73
N PRO C 50 24.83 17.56 -1.15
CA PRO C 50 24.84 17.16 -2.56
C PRO C 50 23.47 16.69 -3.01
N ARG C 51 23.11 17.02 -4.25
CA ARG C 51 21.79 16.71 -4.80
C ARG C 51 20.70 17.26 -3.88
N CYS C 52 20.85 18.53 -3.51
CA CYS C 52 19.96 19.12 -2.51
C CYS C 52 18.50 19.03 -2.94
N ARG C 53 18.21 19.37 -4.19
CA ARG C 53 16.82 19.42 -4.65
C ARG C 53 16.17 18.04 -4.60
N GLN C 54 16.89 17.01 -5.02
CA GLN C 54 16.34 15.65 -5.02
C GLN C 54 16.13 15.16 -3.59
N VAL C 55 17.12 15.36 -2.72
CA VAL C 55 16.95 15.00 -1.32
C VAL C 55 15.72 15.69 -0.74
N LEU C 56 15.51 16.96 -1.09
CA LEU C 56 14.33 17.67 -0.61
C LEU C 56 13.06 17.02 -1.12
N ASP C 57 12.97 16.80 -2.43
CA ASP C 57 11.79 16.20 -3.01
C ASP C 57 11.46 14.86 -2.36
N VAL C 58 12.49 14.12 -1.93
CA VAL C 58 12.22 12.81 -1.34
C VAL C 58 11.86 12.93 0.13
N ALA C 59 12.51 13.83 0.87
CA ALA C 59 12.39 13.87 2.32
C ALA C 59 11.21 14.71 2.80
N LEU C 60 10.96 15.85 2.17
CA LEU C 60 9.89 16.74 2.62
C LEU C 60 8.54 16.04 2.76
N PRO C 61 8.09 15.22 1.81
CA PRO C 61 6.84 14.48 2.04
C PRO C 61 6.91 13.58 3.26
N LEU C 62 8.05 12.92 3.47
CA LEU C 62 8.22 12.06 4.63
C LEU C 62 8.04 12.85 5.92
N VAL C 63 8.66 14.03 6.00
CA VAL C 63 8.57 14.83 7.22
C VAL C 63 7.15 15.33 7.42
N ILE C 64 6.50 15.77 6.35
CA ILE C 64 5.11 16.23 6.45
C ILE C 64 4.22 15.11 6.97
N ASP C 65 4.37 13.90 6.41
CA ASP C 65 3.56 12.78 6.86
C ASP C 65 3.85 12.46 8.32
N TYR C 66 5.14 12.43 8.71
CA TYR C 66 5.49 12.15 10.09
C TYR C 66 4.79 13.11 11.04
N PHE C 67 4.79 14.41 10.71
CA PHE C 67 4.16 15.38 11.60
C PHE C 67 2.63 15.35 11.51
N GLN C 68 2.08 14.87 10.39
CA GLN C 68 0.64 14.72 10.24
C GLN C 68 0.09 13.40 10.77
N SER C 69 0.93 12.48 11.22
CA SER C 69 0.47 11.18 11.66
C SER C 69 0.24 11.19 13.17
N GLN C 70 -0.12 10.03 13.72
CA GLN C 70 -0.34 9.90 15.15
C GLN C 70 0.93 10.28 15.91
N ILE C 71 1.09 11.58 16.19
CA ILE C 71 2.27 12.09 16.87
C ILE C 71 2.08 12.10 18.38
N ASN C 72 3.02 12.71 19.08
CA ASN C 72 3.10 12.77 20.55
C ASN C 72 4.26 13.72 20.86
N PRO C 73 3.98 14.96 21.25
CA PRO C 73 5.10 15.92 21.42
C PRO C 73 6.14 15.48 22.42
N LYS C 74 5.75 14.90 23.55
CA LYS C 74 6.74 14.55 24.57
C LYS C 74 7.73 13.53 24.02
N ALA C 75 7.26 12.56 23.25
CA ALA C 75 8.15 11.57 22.67
C ALA C 75 9.24 12.22 21.82
N ILE C 76 8.85 13.12 20.93
CA ILE C 76 9.82 13.79 20.07
C ILE C 76 10.79 14.62 20.89
N CYS C 77 10.26 15.41 21.83
CA CYS C 77 11.12 16.25 22.66
C CYS C 77 12.07 15.41 23.50
N ASN C 78 11.66 14.18 23.85
CA ASN C 78 12.58 13.26 24.52
C ASN C 78 13.63 12.73 23.55
N ALA C 79 13.22 12.48 22.31
CA ALA C 79 14.18 12.03 21.31
C ALA C 79 15.27 13.06 21.12
N VAL C 80 14.93 14.34 21.28
CA VAL C 80 15.92 15.41 21.15
C VAL C 80 16.63 15.71 22.47
N GLY C 81 16.12 15.24 23.59
CA GLY C 81 16.76 15.44 24.87
C GLY C 81 16.20 16.58 25.70
N LEU C 82 15.00 17.06 25.38
CA LEU C 82 14.39 18.18 26.09
C LEU C 82 13.35 17.75 27.12
N CYS C 83 12.91 16.50 27.08
CA CYS C 83 11.93 15.98 28.03
C CYS C 83 12.37 14.61 28.51
N PRO C 84 11.83 14.15 29.65
CA PRO C 84 12.16 12.81 30.16
C PRO C 84 11.30 11.72 29.54
N ASP D 7 -4.34 30.68 10.05
CA ASP D 7 -3.35 31.76 10.13
C ASP D 7 -1.97 31.17 10.37
N LEU D 8 -1.11 31.21 9.35
CA LEU D 8 0.23 30.66 9.46
C LEU D 8 1.28 31.68 9.88
N CYS D 9 0.99 32.97 9.73
CA CYS D 9 2.01 33.97 10.07
C CYS D 9 2.13 34.12 11.58
N GLN D 10 1.00 34.12 12.29
CA GLN D 10 1.05 34.20 13.75
C GLN D 10 1.68 32.95 14.34
N GLU D 11 1.36 31.79 13.77
CA GLU D 11 1.97 30.54 14.24
C GLU D 11 3.47 30.56 14.02
N CYS D 12 3.92 31.04 12.86
CA CYS D 12 5.35 31.14 12.60
C CYS D 12 6.02 32.10 13.59
N GLU D 13 5.40 33.25 13.85
CA GLU D 13 5.96 34.18 14.82
C GLU D 13 6.04 33.55 16.20
N ASP D 14 5.02 32.79 16.60
CA ASP D 14 5.05 32.12 17.90
C ASP D 14 6.19 31.10 17.96
N ILE D 15 6.39 30.33 16.89
CA ILE D 15 7.48 29.37 16.89
C ILE D 15 8.82 30.09 17.01
N VAL D 16 8.98 31.21 16.30
CA VAL D 16 10.24 31.93 16.36
C VAL D 16 10.46 32.51 17.76
N HIS D 17 9.40 33.03 18.38
CA HIS D 17 9.51 33.53 19.74
C HIS D 17 9.93 32.42 20.71
N LEU D 18 9.31 31.24 20.59
CA LEU D 18 9.70 30.13 21.45
C LEU D 18 11.15 29.73 21.21
N LEU D 19 11.60 29.71 19.96
CA LEU D 19 13.00 29.38 19.69
C LEU D 19 13.93 30.40 20.33
N THR D 20 13.61 31.69 20.22
CA THR D 20 14.42 32.71 20.87
C THR D 20 14.47 32.50 22.38
N LYS D 21 13.31 32.26 22.99
CA LYS D 21 13.28 32.00 24.43
C LYS D 21 14.14 30.79 24.80
N MET D 22 14.10 29.75 23.97
CA MET D 22 14.84 28.52 24.27
C MET D 22 16.34 28.74 24.13
N THR D 23 16.75 29.55 23.15
CA THR D 23 18.17 29.74 22.89
C THR D 23 18.87 30.44 24.06
N LYS D 24 18.13 31.12 24.93
CA LYS D 24 18.70 31.78 26.10
C LYS D 24 18.84 30.84 27.29
N GLU D 25 19.09 29.55 27.05
CA GLU D 25 19.31 28.57 28.11
C GLU D 25 20.41 27.61 27.64
N ASP D 26 21.37 27.33 28.52
CA ASP D 26 22.51 26.51 28.13
C ASP D 26 22.15 25.04 28.00
N ALA D 27 21.17 24.57 28.78
CA ALA D 27 20.73 23.19 28.65
C ALA D 27 20.26 22.91 27.23
N PHE D 28 19.56 23.86 26.62
CA PHE D 28 19.12 23.69 25.24
C PHE D 28 20.30 23.47 24.30
N GLN D 29 21.32 24.34 24.40
CA GLN D 29 22.48 24.20 23.52
C GLN D 29 23.15 22.85 23.72
N GLU D 30 23.31 22.43 24.98
CA GLU D 30 23.98 21.17 25.25
C GLU D 30 23.19 20.00 24.65
N ALA D 31 21.88 19.98 24.88
CA ALA D 31 21.06 18.89 24.38
C ALA D 31 21.07 18.84 22.86
N ILE D 32 20.92 20.00 22.21
CA ILE D 32 20.88 20.02 20.75
C ILE D 32 22.23 19.60 20.18
N ARG D 33 23.33 20.05 20.79
CA ARG D 33 24.65 19.64 20.31
C ARG D 33 24.81 18.13 20.40
N LYS D 34 24.43 17.54 21.54
CA LYS D 34 24.55 16.10 21.69
C LYS D 34 23.69 15.35 20.68
N PHE D 35 22.43 15.78 20.53
CA PHE D 35 21.53 15.12 19.58
C PHE D 35 22.10 15.17 18.17
N LEU D 36 22.56 16.34 17.73
CA LEU D 36 23.04 16.46 16.36
C LEU D 36 24.35 15.71 16.15
N GLU D 37 25.21 15.65 17.19
CA GLU D 37 26.40 14.83 17.09
C GLU D 37 26.04 13.36 16.92
N GLN D 38 25.02 12.91 17.65
CA GLN D 38 24.52 11.55 17.43
C GLN D 38 24.04 11.37 16.00
N GLU D 39 23.27 12.33 15.50
CA GLU D 39 22.67 12.19 14.17
C GLU D 39 23.71 12.20 13.06
N CYS D 40 24.82 12.93 13.23
CA CYS D 40 25.81 12.98 12.17
C CYS D 40 26.47 11.62 11.92
N ASP D 41 26.51 10.75 12.91
CA ASP D 41 27.18 9.45 12.78
C ASP D 41 26.26 8.35 12.26
N ILE D 42 24.96 8.58 12.18
CA ILE D 42 24.00 7.55 11.81
C ILE D 42 23.22 8.01 10.58
N LEU D 43 22.43 7.10 10.04
CA LEU D 43 21.55 7.45 8.94
C LEU D 43 20.42 8.33 9.47
N PRO D 44 19.89 9.23 8.63
CA PRO D 44 20.22 9.48 7.22
C PRO D 44 21.36 10.46 6.99
N LEU D 45 21.63 11.30 8.00
CA LEU D 45 22.51 12.46 7.80
C LEU D 45 23.92 12.05 7.36
N LYS D 46 24.44 10.93 7.87
CA LYS D 46 25.81 10.55 7.51
C LYS D 46 25.99 10.41 6.01
N LEU D 47 24.94 10.03 5.28
CA LEU D 47 25.04 9.86 3.83
C LEU D 47 24.63 11.10 3.06
N LEU D 48 23.68 11.88 3.58
CA LEU D 48 23.19 13.07 2.91
C LEU D 48 24.01 14.33 3.21
N VAL D 49 24.81 14.33 4.27
CA VAL D 49 25.57 15.51 4.67
C VAL D 49 27.05 15.21 4.82
N PRO D 50 27.87 15.43 3.80
CA PRO D 50 29.31 15.23 3.95
C PRO D 50 29.84 16.05 5.12
N ARG D 51 31.09 15.73 5.51
CA ARG D 51 31.76 16.34 6.66
C ARG D 51 30.76 16.84 7.69
N CYS D 52 29.82 15.98 8.10
CA CYS D 52 28.70 16.42 8.93
C CYS D 52 29.15 17.07 10.23
N ARG D 53 30.14 16.47 10.91
CA ARG D 53 30.53 16.98 12.22
C ARG D 53 31.10 18.39 12.13
N GLN D 54 31.89 18.67 11.09
CA GLN D 54 32.44 20.02 10.93
C GLN D 54 31.33 21.02 10.66
N VAL D 55 30.41 20.68 9.75
CA VAL D 55 29.27 21.54 9.48
C VAL D 55 28.52 21.85 10.77
N LEU D 56 28.31 20.84 11.61
CA LEU D 56 27.62 21.07 12.87
C LEU D 56 28.40 22.03 13.75
N ASP D 57 29.67 21.73 13.99
CA ASP D 57 30.49 22.58 14.86
C ASP D 57 30.52 24.02 14.39
N VAL D 58 30.45 24.25 13.08
CA VAL D 58 30.52 25.63 12.60
C VAL D 58 29.15 26.29 12.61
N ALA D 59 28.10 25.56 12.27
CA ALA D 59 26.80 26.17 12.04
C ALA D 59 25.96 26.31 13.30
N LEU D 60 25.96 25.30 14.18
CA LEU D 60 25.11 25.36 15.36
C LEU D 60 25.32 26.64 16.18
N PRO D 61 26.55 27.08 16.44
CA PRO D 61 26.69 28.38 17.13
C PRO D 61 26.09 29.53 16.34
N LEU D 62 26.24 29.52 15.02
CA LEU D 62 25.65 30.57 14.18
C LEU D 62 24.13 30.60 14.33
N VAL D 63 23.49 29.43 14.28
CA VAL D 63 22.04 29.38 14.39
C VAL D 63 21.59 29.81 15.78
N ILE D 64 22.32 29.38 16.82
CA ILE D 64 21.98 29.77 18.18
C ILE D 64 22.04 31.28 18.33
N ASP D 65 23.13 31.89 17.86
CA ASP D 65 23.27 33.34 17.94
C ASP D 65 22.18 34.04 17.12
N TYR D 66 21.93 33.54 15.91
CA TYR D 66 20.92 34.13 15.05
C TYR D 66 19.58 34.19 15.74
N PHE D 67 19.17 33.10 16.39
CA PHE D 67 17.86 33.10 17.03
C PHE D 67 17.84 33.80 18.39
N GLN D 68 18.96 33.84 19.12
CA GLN D 68 18.96 34.52 20.40
C GLN D 68 19.26 36.02 20.29
N SER D 69 19.66 36.49 19.11
CA SER D 69 20.01 37.89 18.89
C SER D 69 19.09 38.44 17.80
N GLN D 70 17.79 38.48 18.09
CA GLN D 70 16.80 38.97 17.15
C GLN D 70 15.90 39.99 17.84
N ILE D 71 15.26 40.84 17.05
CA ILE D 71 14.35 41.85 17.57
C ILE D 71 13.11 41.95 16.70
N ASN D 72 12.83 40.90 15.90
CA ASN D 72 11.69 40.95 15.00
C ASN D 72 11.41 39.59 14.38
N PRO D 73 10.49 38.82 14.96
CA PRO D 73 10.13 37.52 14.36
C PRO D 73 9.58 37.65 12.95
N LYS D 74 8.81 38.72 12.72
CA LYS D 74 8.14 38.89 11.43
C LYS D 74 9.14 38.87 10.29
N ALA D 75 10.33 39.45 10.51
CA ALA D 75 11.37 39.44 9.50
C ALA D 75 11.72 38.02 9.09
N ILE D 76 11.94 37.14 10.08
CA ILE D 76 12.31 35.76 9.78
C ILE D 76 11.18 35.06 9.03
N CYS D 77 9.95 35.20 9.53
CA CYS D 77 8.83 34.54 8.88
C CYS D 77 8.60 35.06 7.46
N ASN D 78 8.96 36.33 7.20
CA ASN D 78 8.92 36.86 5.84
C ASN D 78 10.03 36.27 5.00
N ALA D 79 11.21 36.08 5.61
CA ALA D 79 12.31 35.47 4.87
C ALA D 79 11.92 34.09 4.40
N VAL D 80 11.07 33.40 5.16
CA VAL D 80 10.62 32.07 4.75
C VAL D 80 9.39 32.14 3.84
N GLY D 81 8.69 33.26 3.79
CA GLY D 81 7.56 33.42 2.92
C GLY D 81 6.20 33.19 3.56
N LEU D 82 6.14 33.17 4.90
CA LEU D 82 4.90 32.93 5.62
C LEU D 82 4.24 34.21 6.13
N CYS D 83 4.94 35.34 6.10
CA CYS D 83 4.42 36.63 6.50
C CYS D 83 4.81 37.67 5.46
N PRO D 84 4.13 38.82 5.46
CA PRO D 84 4.59 39.94 4.62
C PRO D 84 5.47 40.90 5.40
N ARG D 85 5.95 41.95 4.74
CA ARG D 85 6.59 43.07 5.43
C ARG D 85 6.97 44.17 4.45
N GLY D 86 6.15 45.20 4.37
CA GLY D 86 6.41 46.33 3.50
C GLY D 86 6.61 47.61 4.28
N ASN E 6 -18.67 23.57 -17.76
CA ASN E 6 -19.20 22.40 -18.46
C ASN E 6 -19.94 21.50 -17.47
N ASP E 7 -19.93 20.19 -17.72
CA ASP E 7 -20.66 19.26 -16.86
C ASP E 7 -19.97 17.90 -16.91
N LEU E 8 -19.67 17.35 -15.73
CA LEU E 8 -19.14 16.00 -15.64
C LEU E 8 -20.23 14.94 -15.51
N CYS E 9 -21.46 15.34 -15.19
CA CYS E 9 -22.51 14.35 -15.01
C CYS E 9 -22.94 13.76 -16.34
N GLN E 10 -23.01 14.58 -17.40
CA GLN E 10 -23.34 14.06 -18.71
C GLN E 10 -22.26 13.13 -19.23
N GLU E 11 -20.99 13.50 -19.03
CA GLU E 11 -19.89 12.64 -19.44
C GLU E 11 -19.94 11.30 -18.71
N CYS E 12 -20.21 11.34 -17.39
CA CYS E 12 -20.33 10.11 -16.63
C CYS E 12 -21.50 9.27 -17.13
N GLU E 13 -22.64 9.91 -17.42
CA GLU E 13 -23.78 9.17 -17.93
C GLU E 13 -23.45 8.51 -19.26
N ASP E 14 -22.73 9.21 -20.14
CA ASP E 14 -22.35 8.62 -21.41
C ASP E 14 -21.42 7.43 -21.19
N ILE E 15 -20.45 7.55 -20.27
CA ILE E 15 -19.55 6.44 -19.99
C ILE E 15 -20.33 5.24 -19.46
N VAL E 16 -21.28 5.49 -18.55
CA VAL E 16 -22.04 4.39 -17.97
C VAL E 16 -22.93 3.73 -19.02
N HIS E 17 -23.54 4.54 -19.89
CA HIS E 17 -24.36 3.97 -20.97
C HIS E 17 -23.52 3.09 -21.88
N LEU E 18 -22.32 3.57 -22.25
CA LEU E 18 -21.43 2.77 -23.08
C LEU E 18 -21.01 1.48 -22.37
N LEU E 19 -20.72 1.57 -21.07
CA LEU E 19 -20.34 0.37 -20.33
C LEU E 19 -21.49 -0.64 -20.29
N THR E 20 -22.71 -0.17 -20.02
CA THR E 20 -23.86 -1.06 -20.01
C THR E 20 -24.04 -1.72 -21.37
N LYS E 21 -23.97 -0.94 -22.44
CA LYS E 21 -24.09 -1.50 -23.78
C LYS E 21 -23.00 -2.54 -24.05
N MET E 22 -21.78 -2.27 -23.59
CA MET E 22 -20.65 -3.16 -23.88
C MET E 22 -20.75 -4.47 -23.12
N THR E 23 -21.23 -4.42 -21.87
CA THR E 23 -21.25 -5.63 -21.05
C THR E 23 -22.20 -6.68 -21.60
N LYS E 24 -23.10 -6.32 -22.51
CA LYS E 24 -24.01 -7.27 -23.14
C LYS E 24 -23.37 -7.99 -24.33
N GLU E 25 -22.07 -8.27 -24.24
CA GLU E 25 -21.34 -8.97 -25.28
C GLU E 25 -20.34 -9.93 -24.67
N ASP E 26 -20.31 -11.17 -25.16
CA ASP E 26 -19.42 -12.18 -24.58
C ASP E 26 -17.97 -11.92 -24.95
N ALA E 27 -17.71 -11.36 -26.14
CA ALA E 27 -16.34 -11.00 -26.50
C ALA E 27 -15.76 -10.01 -25.49
N PHE E 28 -16.56 -9.02 -25.08
CA PHE E 28 -16.10 -8.06 -24.08
C PHE E 28 -15.73 -8.75 -22.77
N GLN E 29 -16.63 -9.59 -22.26
CA GLN E 29 -16.36 -10.28 -21.00
C GLN E 29 -15.10 -11.14 -21.12
N GLU E 30 -14.96 -11.86 -22.23
CA GLU E 30 -13.79 -12.72 -22.41
C GLU E 30 -12.51 -11.90 -22.41
N ALA E 31 -12.50 -10.79 -23.16
CA ALA E 31 -11.30 -9.97 -23.22
C ALA E 31 -10.94 -9.40 -21.85
N ILE E 32 -11.94 -8.89 -21.13
CA ILE E 32 -11.68 -8.29 -19.84
C ILE E 32 -11.19 -9.36 -18.85
N ARG E 33 -11.81 -10.54 -18.87
CA ARG E 33 -11.39 -11.60 -17.96
C ARG E 33 -9.95 -12.01 -18.26
N LYS E 34 -9.62 -12.18 -19.55
CA LYS E 34 -8.25 -12.57 -19.90
C LYS E 34 -7.26 -11.52 -19.43
N PHE E 35 -7.55 -10.24 -19.68
CA PHE E 35 -6.65 -9.18 -19.27
C PHE E 35 -6.45 -9.18 -17.76
N LEU E 36 -7.55 -9.30 -17.00
CA LEU E 36 -7.45 -9.22 -15.55
C LEU E 36 -6.77 -10.45 -14.97
N GLU E 37 -7.01 -11.63 -15.55
CA GLU E 37 -6.31 -12.83 -15.11
C GLU E 37 -4.81 -12.71 -15.37
N GLN E 38 -4.44 -12.15 -16.53
CA GLN E 38 -3.03 -11.91 -16.80
C GLN E 38 -2.45 -10.98 -15.74
N GLU E 39 -3.14 -9.88 -15.45
CA GLU E 39 -2.59 -8.88 -14.53
C GLU E 39 -2.51 -9.41 -13.10
N CYS E 40 -3.42 -10.30 -12.70
CA CYS E 40 -3.39 -10.80 -11.32
C CYS E 40 -2.12 -11.60 -11.03
N ASP E 41 -1.49 -12.18 -12.05
CA ASP E 41 -0.31 -13.01 -11.84
C ASP E 41 0.99 -12.22 -11.86
N ILE E 42 0.96 -10.96 -12.27
CA ILE E 42 2.15 -10.13 -12.39
C ILE E 42 1.95 -8.85 -11.56
N LEU E 43 3.01 -8.07 -11.47
CA LEU E 43 2.91 -6.77 -10.84
C LEU E 43 2.11 -5.82 -11.73
N PRO E 44 1.42 -4.83 -11.13
CA PRO E 44 1.36 -4.52 -9.70
C PRO E 44 0.27 -5.25 -8.92
N LEU E 45 -0.78 -5.74 -9.60
CA LEU E 45 -1.93 -6.28 -8.90
C LEU E 45 -1.56 -7.43 -7.98
N LYS E 46 -0.54 -8.22 -8.34
CA LYS E 46 -0.15 -9.34 -7.48
C LYS E 46 0.13 -8.88 -6.06
N LEU E 47 0.60 -7.66 -5.88
CA LEU E 47 0.93 -7.14 -4.56
C LEU E 47 -0.22 -6.36 -3.93
N LEU E 48 -1.02 -5.67 -4.74
CA LEU E 48 -2.09 -4.85 -4.19
C LEU E 48 -3.34 -5.63 -3.86
N VAL E 49 -3.54 -6.79 -4.47
CA VAL E 49 -4.74 -7.59 -4.23
C VAL E 49 -4.33 -9.01 -3.87
N PRO E 50 -4.20 -9.37 -2.59
CA PRO E 50 -3.89 -10.77 -2.28
C PRO E 50 -4.91 -11.69 -2.94
N ARG E 51 -4.62 -12.99 -3.02
CA ARG E 51 -5.48 -13.94 -3.72
C ARG E 51 -6.23 -13.26 -4.87
N CYS E 52 -5.48 -12.57 -5.73
CA CYS E 52 -6.08 -11.74 -6.79
C CYS E 52 -6.99 -12.55 -7.70
N ARG E 53 -6.55 -13.75 -8.11
CA ARG E 53 -7.30 -14.51 -9.09
C ARG E 53 -8.68 -14.91 -8.57
N GLN E 54 -8.77 -15.31 -7.30
CA GLN E 54 -10.07 -15.69 -6.74
C GLN E 54 -10.99 -14.48 -6.63
N VAL E 55 -10.46 -13.35 -6.16
CA VAL E 55 -11.24 -12.12 -6.12
C VAL E 55 -11.76 -11.80 -7.52
N LEU E 56 -10.93 -11.98 -8.54
CA LEU E 56 -11.37 -11.73 -9.90
C LEU E 56 -12.52 -12.66 -10.29
N ASP E 57 -12.31 -13.97 -10.12
CA ASP E 57 -13.33 -14.94 -10.50
C ASP E 57 -14.67 -14.64 -9.83
N VAL E 58 -14.64 -14.11 -8.62
CA VAL E 58 -15.90 -13.83 -7.92
C VAL E 58 -16.47 -12.47 -8.30
N ALA E 59 -15.61 -11.46 -8.50
CA ALA E 59 -16.06 -10.08 -8.65
C ALA E 59 -16.43 -9.71 -10.07
N LEU E 60 -15.67 -10.17 -11.06
CA LEU E 60 -15.98 -9.81 -12.45
C LEU E 60 -17.43 -10.10 -12.80
N PRO E 61 -17.99 -11.26 -12.45
CA PRO E 61 -19.43 -11.46 -12.69
C PRO E 61 -20.29 -10.47 -11.92
N LEU E 62 -19.92 -10.14 -10.67
CA LEU E 62 -20.69 -9.18 -9.90
C LEU E 62 -20.72 -7.82 -10.60
N VAL E 63 -19.58 -7.34 -11.06
CA VAL E 63 -19.52 -6.03 -11.71
C VAL E 63 -20.27 -6.07 -13.04
N ILE E 64 -20.12 -7.17 -13.79
CA ILE E 64 -20.85 -7.30 -15.05
C ILE E 64 -22.35 -7.22 -14.80
N ASP E 65 -22.85 -7.96 -13.81
CA ASP E 65 -24.27 -7.92 -13.49
C ASP E 65 -24.70 -6.53 -13.05
N TYR E 66 -23.90 -5.89 -12.18
CA TYR E 66 -24.23 -4.54 -11.72
C TYR E 66 -24.41 -3.60 -12.90
N PHE E 67 -23.51 -3.68 -13.89
CA PHE E 67 -23.57 -2.80 -15.05
C PHE E 67 -24.63 -3.21 -16.07
N GLN E 68 -25.04 -4.48 -16.08
CA GLN E 68 -26.04 -4.94 -17.04
C GLN E 68 -27.46 -4.63 -16.59
N SER E 69 -27.72 -4.55 -15.29
CA SER E 69 -29.05 -4.34 -14.76
C SER E 69 -29.08 -3.01 -14.02
N GLN E 70 -28.98 -1.92 -14.78
CA GLN E 70 -29.00 -0.56 -14.24
C GLN E 70 -29.91 0.25 -15.16
N ILE E 71 -31.21 0.22 -14.86
CA ILE E 71 -32.19 0.93 -15.68
C ILE E 71 -31.78 2.39 -15.89
N ASN E 72 -31.27 3.02 -14.84
CA ASN E 72 -30.97 4.45 -14.85
C ASN E 72 -29.48 4.69 -14.67
N PRO E 73 -28.74 5.06 -15.73
CA PRO E 73 -27.29 5.26 -15.55
C PRO E 73 -26.96 6.27 -14.45
N LYS E 74 -27.78 7.32 -14.31
CA LYS E 74 -27.46 8.36 -13.33
C LYS E 74 -27.19 7.78 -11.96
N ALA E 75 -27.89 6.70 -11.59
CA ALA E 75 -27.70 6.10 -10.28
C ALA E 75 -26.23 5.83 -10.01
N ILE E 76 -25.55 5.17 -10.96
CA ILE E 76 -24.13 4.88 -10.74
C ILE E 76 -23.36 6.19 -10.60
N CYS E 77 -23.64 7.14 -11.50
CA CYS E 77 -22.95 8.43 -11.43
C CYS E 77 -23.27 9.15 -10.13
N ASN E 78 -24.44 8.87 -9.55
CA ASN E 78 -24.76 9.44 -8.25
C ASN E 78 -23.97 8.76 -7.14
N ALA E 79 -23.77 7.44 -7.26
CA ALA E 79 -23.02 6.72 -6.24
C ALA E 79 -21.59 7.21 -6.11
N VAL E 80 -20.97 7.61 -7.22
CA VAL E 80 -19.59 8.09 -7.19
C VAL E 80 -19.46 9.59 -6.93
N GLY E 81 -20.55 10.34 -7.03
CA GLY E 81 -20.53 11.76 -6.74
C GLY E 81 -20.45 12.69 -7.93
N LEU E 82 -20.74 12.20 -9.14
CA LEU E 82 -20.70 13.03 -10.34
C LEU E 82 -22.06 13.57 -10.74
N CYS E 83 -23.14 13.04 -10.18
CA CYS E 83 -24.49 13.52 -10.42
C CYS E 83 -25.23 13.62 -9.10
N PRO E 84 -26.16 14.58 -8.96
CA PRO E 84 -26.90 14.71 -7.69
C PRO E 84 -28.06 13.74 -7.58
N ASP F 7 -19.41 -2.49 -32.98
CA ASP F 7 -18.14 -3.08 -32.55
C ASP F 7 -17.73 -2.55 -31.18
N LEU F 8 -17.10 -3.42 -30.38
CA LEU F 8 -16.69 -3.01 -29.04
C LEU F 8 -15.45 -2.12 -29.05
N CYS F 9 -14.72 -2.08 -30.16
CA CYS F 9 -13.49 -1.28 -30.20
C CYS F 9 -13.81 0.21 -30.28
N GLN F 10 -14.79 0.58 -31.09
CA GLN F 10 -15.18 1.99 -31.16
C GLN F 10 -15.76 2.46 -29.83
N GLU F 11 -16.55 1.60 -29.19
CA GLU F 11 -17.09 1.93 -27.88
C GLU F 11 -15.97 2.10 -26.85
N CYS F 12 -14.95 1.24 -26.91
CA CYS F 12 -13.81 1.40 -26.01
C CYS F 12 -13.08 2.71 -26.26
N GLU F 13 -12.88 3.07 -27.53
CA GLU F 13 -12.24 4.35 -27.84
C GLU F 13 -13.08 5.51 -27.31
N ASP F 14 -14.40 5.42 -27.45
CA ASP F 14 -15.26 6.48 -26.93
C ASP F 14 -15.13 6.58 -25.41
N ILE F 15 -15.08 5.43 -24.74
CA ILE F 15 -14.92 5.44 -23.28
C ILE F 15 -13.61 6.10 -22.89
N VAL F 16 -12.53 5.77 -23.61
CA VAL F 16 -11.23 6.34 -23.29
C VAL F 16 -11.20 7.84 -23.55
N HIS F 17 -11.81 8.28 -24.65
CA HIS F 17 -11.87 9.71 -24.96
C HIS F 17 -12.63 10.46 -23.87
N LEU F 18 -13.78 9.93 -23.46
CA LEU F 18 -14.53 10.56 -22.37
C LEU F 18 -13.74 10.56 -21.07
N LEU F 19 -13.03 9.47 -20.77
CA LEU F 19 -12.24 9.42 -19.54
C LEU F 19 -11.13 10.46 -19.57
N THR F 20 -10.43 10.59 -20.70
CA THR F 20 -9.39 11.61 -20.81
C THR F 20 -9.98 13.00 -20.62
N LYS F 21 -11.10 13.29 -21.29
CA LYS F 21 -11.74 14.58 -21.14
C LYS F 21 -12.12 14.84 -19.68
N MET F 22 -12.64 13.81 -19.00
CA MET F 22 -13.09 13.99 -17.63
C MET F 22 -11.92 14.18 -16.68
N THR F 23 -10.83 13.45 -16.90
CA THR F 23 -9.68 13.52 -16.01
C THR F 23 -8.99 14.87 -16.10
N LYS F 24 -9.22 15.63 -17.17
CA LYS F 24 -8.68 16.97 -17.27
C LYS F 24 -9.62 17.95 -16.57
N GLU F 25 -10.25 17.49 -15.49
CA GLU F 25 -11.16 18.32 -14.71
C GLU F 25 -10.96 17.98 -13.25
N ASP F 26 -10.78 19.02 -12.42
CA ASP F 26 -10.44 18.79 -11.02
C ASP F 26 -11.63 18.31 -10.20
N ALA F 27 -12.85 18.75 -10.52
CA ALA F 27 -14.02 18.24 -9.81
C ALA F 27 -14.11 16.73 -9.92
N PHE F 28 -13.84 16.20 -11.11
CA PHE F 28 -13.84 14.75 -11.32
C PHE F 28 -12.83 14.07 -10.41
N GLN F 29 -11.58 14.55 -10.43
CA GLN F 29 -10.54 13.93 -9.63
C GLN F 29 -10.90 13.96 -8.15
N GLU F 30 -11.38 15.11 -7.67
CA GLU F 30 -11.72 15.24 -6.26
C GLU F 30 -12.86 14.30 -5.89
N ALA F 31 -13.90 14.24 -6.72
CA ALA F 31 -15.03 13.37 -6.42
C ALA F 31 -14.59 11.92 -6.37
N ILE F 32 -13.78 11.49 -7.34
CA ILE F 32 -13.32 10.10 -7.35
C ILE F 32 -12.46 9.82 -6.12
N ARG F 33 -11.61 10.78 -5.74
CA ARG F 33 -10.79 10.61 -4.54
C ARG F 33 -11.69 10.43 -3.32
N LYS F 34 -12.72 11.27 -3.20
CA LYS F 34 -13.63 11.19 -2.06
C LYS F 34 -14.30 9.83 -2.01
N PHE F 35 -14.81 9.38 -3.15
CA PHE F 35 -15.50 8.10 -3.22
C PHE F 35 -14.57 6.96 -2.81
N LEU F 36 -13.36 6.95 -3.35
CA LEU F 36 -12.45 5.85 -3.06
C LEU F 36 -11.94 5.90 -1.62
N GLU F 37 -11.76 7.10 -1.06
CA GLU F 37 -11.38 7.20 0.34
C GLU F 37 -12.49 6.68 1.25
N GLN F 38 -13.75 6.99 0.93
CA GLN F 38 -14.86 6.42 1.68
C GLN F 38 -14.88 4.90 1.57
N GLU F 39 -14.71 4.38 0.34
CA GLU F 39 -14.79 2.94 0.15
C GLU F 39 -13.64 2.21 0.83
N CYS F 40 -12.47 2.85 0.95
CA CYS F 40 -11.34 2.21 1.60
C CYS F 40 -11.60 1.94 3.09
N ASP F 41 -12.48 2.73 3.71
CA ASP F 41 -12.74 2.62 5.13
C ASP F 41 -13.81 1.59 5.46
N ILE F 42 -14.51 1.05 4.47
CA ILE F 42 -15.60 0.11 4.70
C ILE F 42 -15.33 -1.16 3.90
N LEU F 43 -16.11 -2.20 4.18
CA LEU F 43 -16.05 -3.42 3.41
C LEU F 43 -16.73 -3.22 2.04
N PRO F 44 -16.31 -3.98 1.02
CA PRO F 44 -15.29 -5.03 1.05
C PRO F 44 -13.87 -4.53 0.85
N LEU F 45 -13.74 -3.32 0.28
CA LEU F 45 -12.43 -2.84 -0.14
C LEU F 45 -11.45 -2.77 1.02
N LYS F 46 -11.92 -2.48 2.24
CA LYS F 46 -11.02 -2.41 3.39
C LYS F 46 -10.23 -3.70 3.55
N LEU F 47 -10.84 -4.84 3.25
CA LEU F 47 -10.22 -6.15 3.45
C LEU F 47 -9.58 -6.71 2.19
N LEU F 48 -10.10 -6.37 1.01
CA LEU F 48 -9.55 -6.91 -0.23
C LEU F 48 -8.30 -6.17 -0.66
N VAL F 49 -8.07 -4.97 -0.15
CA VAL F 49 -6.89 -4.18 -0.50
C VAL F 49 -6.21 -3.74 0.79
N PRO F 50 -5.22 -4.49 1.29
CA PRO F 50 -4.52 -4.06 2.50
C PRO F 50 -3.94 -2.66 2.34
N ARG F 51 -3.98 -1.89 3.43
CA ARG F 51 -3.53 -0.50 3.43
C ARG F 51 -4.21 0.26 2.30
N CYS F 52 -5.54 0.14 2.24
CA CYS F 52 -6.29 0.70 1.11
C CYS F 52 -6.01 2.18 0.95
N ARG F 53 -6.01 2.93 2.05
CA ARG F 53 -5.81 4.37 1.96
C ARG F 53 -4.42 4.70 1.42
N GLN F 54 -3.40 3.97 1.87
CA GLN F 54 -2.04 4.23 1.41
C GLN F 54 -1.89 3.87 -0.07
N VAL F 55 -2.40 2.71 -0.46
CA VAL F 55 -2.37 2.31 -1.86
C VAL F 55 -3.07 3.35 -2.72
N LEU F 56 -4.21 3.86 -2.26
CA LEU F 56 -4.93 4.89 -3.02
C LEU F 56 -4.09 6.15 -3.14
N ASP F 57 -3.59 6.66 -2.00
CA ASP F 57 -2.80 7.88 -2.03
C ASP F 57 -1.61 7.78 -2.98
N VAL F 58 -1.02 6.58 -3.11
CA VAL F 58 0.14 6.45 -3.98
C VAL F 58 -0.28 6.24 -5.44
N ALA F 59 -1.35 5.47 -5.68
CA ALA F 59 -1.68 5.02 -7.02
C ALA F 59 -2.56 5.99 -7.80
N LEU F 60 -3.53 6.62 -7.14
CA LEU F 60 -4.48 7.48 -7.85
C LEU F 60 -3.80 8.55 -8.70
N PRO F 61 -2.78 9.27 -8.22
CA PRO F 61 -2.09 10.22 -9.11
C PRO F 61 -1.46 9.54 -10.32
N LEU F 62 -0.92 8.34 -10.14
CA LEU F 62 -0.33 7.62 -11.26
C LEU F 62 -1.37 7.36 -12.35
N VAL F 63 -2.56 6.90 -11.96
CA VAL F 63 -3.60 6.60 -12.93
C VAL F 63 -4.10 7.88 -13.59
N ILE F 64 -4.25 8.95 -12.80
CA ILE F 64 -4.69 10.22 -13.37
C ILE F 64 -3.70 10.68 -14.43
N ASP F 65 -2.40 10.62 -14.12
CA ASP F 65 -1.39 11.02 -15.09
C ASP F 65 -1.43 10.13 -16.32
N TYR F 66 -1.56 8.81 -16.13
CA TYR F 66 -1.62 7.89 -17.26
C TYR F 66 -2.75 8.27 -18.21
N PHE F 67 -3.93 8.57 -17.66
CA PHE F 67 -5.06 8.93 -18.51
C PHE F 67 -4.95 10.34 -19.05
N GLN F 68 -4.19 11.21 -18.39
CA GLN F 68 -3.96 12.56 -18.89
C GLN F 68 -2.82 12.62 -19.90
N SER F 69 -2.14 11.50 -20.14
CA SER F 69 -1.02 11.44 -21.06
C SER F 69 -1.28 10.48 -22.21
N GLN F 70 -2.53 10.39 -22.65
CA GLN F 70 -2.91 9.52 -23.75
C GLN F 70 -2.93 10.29 -25.07
N ILE F 71 -2.05 9.88 -25.99
CA ILE F 71 -2.01 10.51 -27.31
C ILE F 71 -3.29 10.21 -28.06
N ASN F 72 -3.89 9.05 -27.83
CA ASN F 72 -5.08 8.60 -28.55
C ASN F 72 -5.59 7.33 -27.88
N PRO F 73 -6.89 7.05 -27.99
CA PRO F 73 -7.45 5.92 -27.21
C PRO F 73 -6.85 4.55 -27.48
N LYS F 74 -6.54 4.23 -28.74
CA LYS F 74 -6.40 2.82 -29.12
C LYS F 74 -5.38 2.08 -28.25
N ALA F 75 -4.30 2.75 -27.85
CA ALA F 75 -3.28 2.06 -27.06
C ALA F 75 -3.91 1.37 -25.86
N ILE F 76 -4.70 2.10 -25.07
CA ILE F 76 -5.32 1.48 -23.91
C ILE F 76 -6.23 0.34 -24.36
N CYS F 77 -7.03 0.59 -25.38
CA CYS F 77 -7.94 -0.45 -25.86
C CYS F 77 -7.17 -1.65 -26.38
N ASN F 78 -5.92 -1.44 -26.83
CA ASN F 78 -5.09 -2.58 -27.22
C ASN F 78 -4.59 -3.34 -25.99
N ALA F 79 -4.27 -2.62 -24.91
CA ALA F 79 -3.78 -3.28 -23.71
C ALA F 79 -4.81 -4.23 -23.11
N VAL F 80 -6.10 -3.88 -23.22
CA VAL F 80 -7.14 -4.73 -22.64
C VAL F 80 -7.63 -5.81 -23.61
N GLY F 81 -7.32 -5.69 -24.89
CA GLY F 81 -7.69 -6.70 -25.86
C GLY F 81 -8.95 -6.41 -26.65
N LEU F 82 -9.44 -5.16 -26.64
CA LEU F 82 -10.66 -4.80 -27.34
C LEU F 82 -10.39 -4.19 -28.71
N CYS F 83 -9.17 -3.77 -29.00
CA CYS F 83 -8.79 -3.23 -30.29
C CYS F 83 -7.47 -3.83 -30.72
N PRO F 84 -7.17 -3.83 -32.03
CA PRO F 84 -5.87 -4.26 -32.55
C PRO F 84 -4.87 -3.11 -32.62
N ASN G 6 -39.60 -7.78 25.47
CA ASN G 6 -38.90 -8.97 24.97
C ASN G 6 -37.44 -8.63 24.74
N ASP G 7 -36.57 -9.65 24.80
CA ASP G 7 -35.13 -9.42 24.66
C ASP G 7 -34.52 -10.67 23.99
N LEU G 8 -34.35 -10.59 22.68
CA LEU G 8 -33.65 -11.61 21.90
C LEU G 8 -32.28 -11.15 21.43
N CYS G 9 -31.97 -9.86 21.59
CA CYS G 9 -30.71 -9.30 21.10
C CYS G 9 -29.52 -9.79 21.92
N GLN G 10 -29.75 -10.12 23.19
CA GLN G 10 -28.67 -10.59 24.04
C GLN G 10 -28.04 -11.87 23.51
N GLU G 11 -28.84 -12.80 23.02
CA GLU G 11 -28.28 -14.03 22.45
C GLU G 11 -27.40 -13.72 21.24
N CYS G 12 -27.85 -12.82 20.36
CA CYS G 12 -27.03 -12.47 19.20
C CYS G 12 -25.71 -11.83 19.61
N GLU G 13 -25.76 -10.90 20.57
CA GLU G 13 -24.52 -10.26 21.01
C GLU G 13 -23.56 -11.29 21.61
N ASP G 14 -24.08 -12.22 22.41
CA ASP G 14 -23.24 -13.26 22.99
C ASP G 14 -22.62 -14.13 21.90
N ILE G 15 -23.42 -14.50 20.89
CA ILE G 15 -22.89 -15.30 19.79
C ILE G 15 -21.79 -14.55 19.07
N VAL G 16 -21.97 -13.24 18.85
CA VAL G 16 -20.97 -12.47 18.13
C VAL G 16 -19.67 -12.41 18.93
N HIS G 17 -19.77 -12.24 20.25
CA HIS G 17 -18.57 -12.28 21.08
C HIS G 17 -17.89 -13.65 21.00
N LEU G 18 -18.67 -14.74 21.05
CA LEU G 18 -18.08 -16.07 20.94
C LEU G 18 -17.36 -16.23 19.61
N LEU G 19 -17.97 -15.73 18.53
CA LEU G 19 -17.33 -15.77 17.22
C LEU G 19 -16.03 -14.99 17.21
N THR G 20 -16.03 -13.80 17.81
CA THR G 20 -14.82 -13.00 17.90
C THR G 20 -13.71 -13.75 18.62
N LYS G 21 -14.04 -14.36 19.76
CA LYS G 21 -13.06 -15.16 20.49
C LYS G 21 -12.55 -16.32 19.64
N MET G 22 -13.44 -16.96 18.89
CA MET G 22 -13.08 -18.16 18.14
C MET G 22 -12.19 -17.85 16.95
N THR G 23 -12.41 -16.71 16.29
CA THR G 23 -11.75 -16.47 15.01
C THR G 23 -10.23 -16.40 15.11
N LYS G 24 -9.68 -16.12 16.28
CA LYS G 24 -8.22 -16.13 16.46
C LYS G 24 -7.74 -17.53 16.80
N GLU G 25 -7.48 -18.33 15.76
CA GLU G 25 -6.94 -19.67 15.92
C GLU G 25 -6.75 -20.36 14.57
N ASP G 26 -5.58 -20.96 14.34
CA ASP G 26 -5.30 -21.58 13.04
C ASP G 26 -6.02 -22.90 12.84
N ALA G 27 -6.21 -23.66 13.93
CA ALA G 27 -6.96 -24.91 13.83
C ALA G 27 -8.38 -24.65 13.33
N PHE G 28 -8.99 -23.56 13.81
CA PHE G 28 -10.33 -23.19 13.35
C PHE G 28 -10.32 -22.99 11.84
N GLN G 29 -9.35 -22.22 11.35
CA GLN G 29 -9.27 -21.95 9.92
C GLN G 29 -9.13 -23.25 9.13
N GLU G 30 -8.26 -24.15 9.58
CA GLU G 30 -8.04 -25.40 8.86
C GLU G 30 -9.31 -26.25 8.83
N ALA G 31 -9.95 -26.41 9.99
CA ALA G 31 -11.14 -27.26 10.06
C ALA G 31 -12.26 -26.70 9.20
N ILE G 32 -12.52 -25.39 9.29
CA ILE G 32 -13.60 -24.80 8.50
C ILE G 32 -13.28 -24.90 7.02
N ARG G 33 -12.03 -24.68 6.64
CA ARG G 33 -11.64 -24.80 5.23
C ARG G 33 -11.92 -26.21 4.72
N LYS G 34 -11.51 -27.22 5.49
CA LYS G 34 -11.71 -28.60 5.06
C LYS G 34 -13.20 -28.89 4.90
N PHE G 35 -14.00 -28.56 5.91
CA PHE G 35 -15.43 -28.87 5.87
C PHE G 35 -16.11 -28.17 4.70
N LEU G 36 -15.86 -26.87 4.52
CA LEU G 36 -16.58 -26.15 3.48
C LEU G 36 -16.10 -26.54 2.09
N GLU G 37 -14.82 -26.86 1.91
CA GLU G 37 -14.39 -27.36 0.60
C GLU G 37 -15.05 -28.70 0.29
N GLN G 38 -15.14 -29.57 1.30
CA GLN G 38 -15.85 -30.83 1.11
C GLN G 38 -17.29 -30.57 0.66
N GLU G 39 -17.98 -29.65 1.34
CA GLU G 39 -19.36 -29.38 0.98
C GLU G 39 -19.47 -28.73 -0.39
N CYS G 40 -18.48 -27.91 -0.77
CA CYS G 40 -18.50 -27.28 -2.08
C CYS G 40 -18.31 -28.30 -3.19
N ASP G 41 -17.67 -29.43 -2.90
CA ASP G 41 -17.40 -30.42 -3.94
C ASP G 41 -18.56 -31.38 -4.18
N ILE G 42 -19.57 -31.39 -3.32
CA ILE G 42 -20.68 -32.34 -3.44
C ILE G 42 -22.00 -31.58 -3.48
N LEU G 43 -23.07 -32.32 -3.73
CA LEU G 43 -24.42 -31.75 -3.64
C LEU G 43 -24.77 -31.48 -2.18
N PRO G 44 -25.65 -30.51 -1.91
CA PRO G 44 -26.37 -29.65 -2.84
C PRO G 44 -25.63 -28.38 -3.26
N LEU G 45 -24.64 -27.95 -2.48
CA LEU G 45 -24.00 -26.67 -2.75
C LEU G 45 -23.38 -26.64 -4.14
N LYS G 46 -23.00 -27.79 -4.67
CA LYS G 46 -22.36 -27.83 -5.99
C LYS G 46 -23.21 -27.10 -7.02
N LEU G 47 -24.54 -27.18 -6.89
CA LEU G 47 -25.44 -26.51 -7.82
C LEU G 47 -26.02 -25.21 -7.28
N LEU G 48 -26.20 -25.09 -5.96
CA LEU G 48 -26.86 -23.90 -5.42
C LEU G 48 -25.90 -22.71 -5.36
N VAL G 49 -24.60 -22.97 -5.39
CA VAL G 49 -23.58 -21.92 -5.45
C VAL G 49 -22.67 -22.33 -6.60
N PRO G 50 -22.89 -21.83 -7.82
CA PRO G 50 -22.02 -22.25 -8.94
C PRO G 50 -20.54 -22.08 -8.65
N ARG G 51 -20.11 -20.90 -8.21
CA ARG G 51 -18.70 -20.67 -7.90
C ARG G 51 -18.41 -20.91 -6.42
N CYS G 52 -18.85 -22.07 -5.93
CA CYS G 52 -18.77 -22.34 -4.49
C CYS G 52 -17.33 -22.23 -4.00
N ARG G 53 -16.39 -22.83 -4.73
CA ARG G 53 -15.01 -22.84 -4.27
C ARG G 53 -14.41 -21.43 -4.28
N GLN G 54 -14.68 -20.65 -5.32
CA GLN G 54 -14.13 -19.30 -5.37
C GLN G 54 -14.77 -18.41 -4.31
N VAL G 55 -16.09 -18.49 -4.17
CA VAL G 55 -16.77 -17.73 -3.12
C VAL G 55 -16.19 -18.09 -1.76
N LEU G 56 -15.93 -19.38 -1.53
CA LEU G 56 -15.34 -19.79 -0.26
C LEU G 56 -13.94 -19.20 -0.09
N ASP G 57 -13.08 -19.39 -1.09
CA ASP G 57 -11.72 -18.87 -1.01
C ASP G 57 -11.69 -17.37 -0.74
N VAL G 58 -12.69 -16.64 -1.24
CA VAL G 58 -12.68 -15.20 -1.05
C VAL G 58 -13.29 -14.82 0.30
N ALA G 59 -14.35 -15.52 0.72
CA ALA G 59 -15.10 -15.07 1.88
C ALA G 59 -14.53 -15.59 3.20
N LEU G 60 -14.13 -16.87 3.25
CA LEU G 60 -13.61 -17.40 4.51
C LEU G 60 -12.43 -16.59 5.03
N PRO G 61 -11.41 -16.27 4.22
CA PRO G 61 -10.36 -15.37 4.73
C PRO G 61 -10.89 -13.99 5.07
N LEU G 62 -11.82 -13.49 4.26
CA LEU G 62 -12.41 -12.17 4.53
C LEU G 62 -13.08 -12.16 5.89
N VAL G 63 -13.87 -13.18 6.21
CA VAL G 63 -14.56 -13.21 7.49
C VAL G 63 -13.57 -13.42 8.63
N ILE G 64 -12.56 -14.27 8.42
CA ILE G 64 -11.55 -14.47 9.45
C ILE G 64 -10.91 -13.14 9.83
N ASP G 65 -10.49 -12.38 8.82
CA ASP G 65 -9.88 -11.08 9.09
C ASP G 65 -10.89 -10.11 9.71
N TYR G 66 -12.12 -10.08 9.18
CA TYR G 66 -13.14 -9.19 9.68
C TYR G 66 -13.39 -9.36 11.17
N PHE G 67 -13.50 -10.61 11.62
CA PHE G 67 -13.82 -10.83 13.03
C PHE G 67 -12.62 -10.56 13.93
N GLN G 68 -11.39 -10.61 13.40
CA GLN G 68 -10.23 -10.19 14.15
C GLN G 68 -10.05 -8.69 14.08
N SER G 69 -11.15 -7.95 13.99
CA SER G 69 -11.12 -6.49 13.87
C SER G 69 -12.29 -5.90 14.63
N GLN G 70 -12.41 -4.57 14.59
CA GLN G 70 -13.49 -3.88 15.28
C GLN G 70 -14.82 -4.28 14.63
N ILE G 71 -15.65 -5.01 15.38
CA ILE G 71 -16.95 -5.43 14.86
C ILE G 71 -18.04 -4.47 15.34
N ASN G 72 -17.87 -3.94 16.55
CA ASN G 72 -18.96 -3.18 17.18
C ASN G 72 -20.16 -4.13 17.13
N PRO G 73 -20.17 -5.17 17.97
CA PRO G 73 -21.17 -6.25 17.78
C PRO G 73 -22.61 -5.76 17.84
N LYS G 74 -22.93 -4.80 18.72
CA LYS G 74 -24.32 -4.38 18.86
C LYS G 74 -24.86 -3.88 17.53
N ALA G 75 -24.06 -3.10 16.80
CA ALA G 75 -24.47 -2.59 15.50
C ALA G 75 -24.79 -3.74 14.54
N ILE G 76 -23.89 -4.72 14.46
CA ILE G 76 -24.09 -5.83 13.53
C ILE G 76 -25.36 -6.60 13.87
N CYS G 77 -25.57 -6.91 15.15
CA CYS G 77 -26.80 -7.60 15.51
C CYS G 77 -28.02 -6.74 15.22
N ASN G 78 -27.86 -5.41 15.23
CA ASN G 78 -28.95 -4.53 14.80
C ASN G 78 -29.18 -4.61 13.29
N ALA G 79 -28.12 -4.82 12.51
CA ALA G 79 -28.26 -4.85 11.06
C ALA G 79 -29.22 -5.93 10.59
N VAL G 80 -29.27 -7.07 11.27
CA VAL G 80 -30.16 -8.16 10.87
C VAL G 80 -31.53 -8.03 11.52
N GLY G 81 -31.83 -6.86 12.07
CA GLY G 81 -33.13 -6.65 12.66
C GLY G 81 -33.35 -7.34 13.98
N LEU G 82 -32.28 -7.75 14.65
CA LEU G 82 -32.36 -8.47 15.92
C LEU G 82 -32.19 -7.57 17.13
N CYS G 83 -31.80 -6.32 16.94
CA CYS G 83 -31.64 -5.40 18.06
C CYS G 83 -32.29 -4.05 17.76
N ASP H 7 -8.90 -24.78 23.03
CA ASP H 7 -10.14 -25.48 23.34
C ASP H 7 -11.29 -24.90 22.52
N LEU H 8 -11.77 -25.67 21.55
CA LEU H 8 -12.80 -25.21 20.62
C LEU H 8 -14.17 -25.84 20.85
N CYS H 9 -14.26 -26.88 21.67
CA CYS H 9 -15.54 -27.57 21.85
C CYS H 9 -16.52 -26.75 22.69
N GLN H 10 -16.03 -26.06 23.73
CA GLN H 10 -16.93 -25.28 24.57
C GLN H 10 -17.57 -24.14 23.80
N GLU H 11 -16.79 -23.41 23.00
CA GLU H 11 -17.35 -22.32 22.22
C GLU H 11 -18.35 -22.81 21.18
N CYS H 12 -18.02 -23.91 20.50
CA CYS H 12 -18.94 -24.44 19.50
C CYS H 12 -20.24 -24.92 20.13
N GLU H 13 -20.14 -25.64 21.26
CA GLU H 13 -21.34 -26.11 21.93
C GLU H 13 -22.19 -24.93 22.42
N ASP H 14 -21.55 -23.90 22.96
CA ASP H 14 -22.31 -22.72 23.39
C ASP H 14 -22.99 -22.05 22.21
N ILE H 15 -22.29 -21.97 21.08
CA ILE H 15 -22.88 -21.39 19.88
C ILE H 15 -24.11 -22.17 19.45
N VAL H 16 -24.03 -23.49 19.47
CA VAL H 16 -25.17 -24.31 19.06
C VAL H 16 -26.32 -24.14 20.05
N HIS H 17 -26.00 -24.08 21.34
CA HIS H 17 -27.04 -23.88 22.35
C HIS H 17 -27.74 -22.54 22.16
N LEU H 18 -26.99 -21.46 21.96
CA LEU H 18 -27.61 -20.16 21.72
C LEU H 18 -28.41 -20.17 20.43
N LEU H 19 -27.91 -20.82 19.38
CA LEU H 19 -28.66 -20.88 18.13
C LEU H 19 -29.99 -21.60 18.33
N THR H 20 -29.97 -22.71 19.06
CA THR H 20 -31.21 -23.42 19.37
C THR H 20 -32.14 -22.52 20.18
N LYS H 21 -31.60 -21.85 21.20
CA LYS H 21 -32.42 -20.96 22.00
C LYS H 21 -33.09 -19.90 21.15
N MET H 22 -32.34 -19.34 20.19
CA MET H 22 -32.90 -18.26 19.38
C MET H 22 -33.94 -18.80 18.40
N THR H 23 -33.69 -19.99 17.84
CA THR H 23 -34.61 -20.56 16.86
C THR H 23 -35.93 -20.97 17.50
N LYS H 24 -35.96 -21.18 18.82
CA LYS H 24 -37.21 -21.48 19.51
C LYS H 24 -37.95 -20.18 19.86
N GLU H 25 -37.79 -19.17 19.01
CA GLU H 25 -38.49 -17.90 19.17
C GLU H 25 -38.86 -17.43 17.77
N ASP H 26 -40.12 -17.01 17.59
CA ASP H 26 -40.58 -16.66 16.24
C ASP H 26 -40.00 -15.35 15.76
N ALA H 27 -39.70 -14.42 16.68
CA ALA H 27 -39.08 -13.16 16.28
C ALA H 27 -37.78 -13.41 15.51
N PHE H 28 -37.02 -14.41 15.94
CA PHE H 28 -35.79 -14.75 15.23
C PHE H 28 -36.09 -15.13 13.78
N GLN H 29 -37.03 -16.04 13.57
CA GLN H 29 -37.37 -16.43 12.21
C GLN H 29 -37.84 -15.25 11.39
N GLU H 30 -38.69 -14.41 11.96
CA GLU H 30 -39.24 -13.28 11.20
C GLU H 30 -38.13 -12.33 10.78
N ALA H 31 -37.25 -11.97 11.72
CA ALA H 31 -36.17 -11.03 11.40
C ALA H 31 -35.22 -11.62 10.36
N ILE H 32 -34.82 -12.87 10.55
CA ILE H 32 -33.89 -13.49 9.61
C ILE H 32 -34.52 -13.63 8.23
N ARG H 33 -35.81 -14.00 8.17
CA ARG H 33 -36.48 -14.12 6.89
C ARG H 33 -36.50 -12.78 6.17
N LYS H 34 -36.85 -11.70 6.87
CA LYS H 34 -36.86 -10.39 6.23
C LYS H 34 -35.45 -9.99 5.76
N PHE H 35 -34.44 -10.20 6.60
CA PHE H 35 -33.08 -9.85 6.20
C PHE H 35 -32.66 -10.61 4.95
N LEU H 36 -32.91 -11.91 4.90
CA LEU H 36 -32.47 -12.70 3.76
C LEU H 36 -33.29 -12.39 2.52
N GLU H 37 -34.57 -12.05 2.68
CA GLU H 37 -35.35 -11.62 1.52
C GLU H 37 -34.79 -10.32 0.96
N GLN H 38 -34.37 -9.40 1.83
CA GLN H 38 -33.70 -8.20 1.35
C GLN H 38 -32.43 -8.55 0.60
N GLU H 39 -31.62 -9.44 1.17
CA GLU H 39 -30.33 -9.77 0.56
C GLU H 39 -30.48 -10.50 -0.77
N CYS H 40 -31.53 -11.29 -0.94
CA CYS H 40 -31.71 -12.04 -2.18
C CYS H 40 -31.99 -11.13 -3.38
N ASP H 41 -32.52 -9.93 -3.16
CA ASP H 41 -32.86 -9.04 -4.26
C ASP H 41 -31.71 -8.16 -4.72
N ILE H 42 -30.60 -8.12 -3.98
CA ILE H 42 -29.47 -7.27 -4.33
C ILE H 42 -28.22 -8.13 -4.43
N LEU H 43 -27.15 -7.52 -4.94
CA LEU H 43 -25.87 -8.18 -4.98
C LEU H 43 -25.27 -8.24 -3.57
N PRO H 44 -24.41 -9.23 -3.28
CA PRO H 44 -23.93 -10.28 -4.19
C PRO H 44 -24.80 -11.53 -4.27
N LEU H 45 -25.65 -11.76 -3.27
CA LEU H 45 -26.40 -13.01 -3.21
C LEU H 45 -27.27 -13.21 -4.46
N LYS H 46 -27.76 -12.12 -5.04
CA LYS H 46 -28.62 -12.25 -6.22
C LYS H 46 -27.93 -13.05 -7.33
N LEU H 47 -26.61 -12.87 -7.46
CA LEU H 47 -25.86 -13.56 -8.51
C LEU H 47 -25.16 -14.82 -8.03
N LEU H 48 -24.74 -14.87 -6.77
CA LEU H 48 -24.01 -16.02 -6.27
C LEU H 48 -24.92 -17.17 -5.92
N VAL H 49 -26.21 -16.90 -5.72
CA VAL H 49 -27.18 -17.95 -5.40
C VAL H 49 -28.32 -17.82 -6.41
N PRO H 50 -28.24 -18.49 -7.56
CA PRO H 50 -29.34 -18.43 -8.52
C PRO H 50 -30.65 -18.87 -7.87
N ARG H 51 -31.73 -18.20 -8.23
CA ARG H 51 -33.03 -18.46 -7.62
C ARG H 51 -32.95 -18.34 -6.10
N CYS H 52 -32.35 -17.22 -5.66
CA CYS H 52 -32.08 -17.01 -4.25
C CYS H 52 -33.33 -17.09 -3.39
N ARG H 53 -34.41 -16.43 -3.84
CA ARG H 53 -35.61 -16.34 -3.02
C ARG H 53 -36.25 -17.72 -2.82
N GLN H 54 -36.30 -18.53 -3.87
CA GLN H 54 -36.88 -19.86 -3.74
C GLN H 54 -36.03 -20.74 -2.82
N VAL H 55 -34.72 -20.71 -3.03
CA VAL H 55 -33.82 -21.45 -2.15
C VAL H 55 -34.04 -21.05 -0.70
N LEU H 56 -34.20 -19.74 -0.46
CA LEU H 56 -34.46 -19.27 0.90
C LEU H 56 -35.77 -19.83 1.45
N ASP H 57 -36.85 -19.65 0.69
CA ASP H 57 -38.16 -20.10 1.13
C ASP H 57 -38.16 -21.59 1.46
N VAL H 58 -37.36 -22.38 0.75
CA VAL H 58 -37.34 -23.81 1.00
C VAL H 58 -36.38 -24.18 2.13
N ALA H 59 -35.24 -23.49 2.23
CA ALA H 59 -34.16 -23.91 3.11
C ALA H 59 -34.29 -23.36 4.52
N LEU H 60 -34.71 -22.11 4.69
CA LEU H 60 -34.76 -21.52 6.02
C LEU H 60 -35.58 -22.36 7.01
N PRO H 61 -36.76 -22.86 6.66
CA PRO H 61 -37.46 -23.76 7.60
C PRO H 61 -36.67 -25.02 7.90
N LEU H 62 -36.00 -25.59 6.89
CA LEU H 62 -35.20 -26.78 7.11
C LEU H 62 -34.11 -26.53 8.15
N VAL H 63 -33.39 -25.42 8.03
CA VAL H 63 -32.31 -25.13 8.96
C VAL H 63 -32.85 -24.84 10.36
N ILE H 64 -33.95 -24.09 10.43
CA ILE H 64 -34.54 -23.81 11.75
C ILE H 64 -34.94 -25.11 12.43
N ASP H 65 -35.61 -26.01 11.70
CA ASP H 65 -35.99 -27.29 12.27
C ASP H 65 -34.75 -28.08 12.68
N TYR H 66 -33.73 -28.07 11.83
CA TYR H 66 -32.49 -28.79 12.15
C TYR H 66 -31.90 -28.32 13.47
N PHE H 67 -31.82 -27.01 13.67
CA PHE H 67 -31.20 -26.50 14.90
C PHE H 67 -32.10 -26.60 16.12
N GLN H 68 -33.42 -26.58 15.93
CA GLN H 68 -34.34 -26.78 17.04
C GLN H 68 -34.60 -28.24 17.33
N SER H 69 -34.02 -29.16 16.53
CA SER H 69 -34.22 -30.59 16.70
C SER H 69 -32.94 -31.33 17.03
N GLN H 70 -31.79 -30.65 17.06
CA GLN H 70 -30.52 -31.29 17.42
C GLN H 70 -30.31 -31.09 18.91
N ILE H 71 -30.51 -32.17 19.68
CA ILE H 71 -30.34 -32.13 21.12
C ILE H 71 -28.92 -32.60 21.46
N ASN H 72 -28.06 -32.65 20.44
CA ASN H 72 -26.70 -33.17 20.61
C ASN H 72 -25.73 -32.20 19.96
N PRO H 73 -25.22 -31.22 20.70
CA PRO H 73 -24.24 -30.29 20.12
C PRO H 73 -23.00 -31.02 19.63
N LYS H 74 -22.60 -32.09 20.31
CA LYS H 74 -21.38 -32.78 19.96
C LYS H 74 -21.41 -33.23 18.50
N ALA H 75 -22.56 -33.72 18.05
CA ALA H 75 -22.69 -34.17 16.66
C ALA H 75 -22.38 -33.03 15.68
N ILE H 76 -23.00 -31.87 15.91
CA ILE H 76 -22.80 -30.73 15.01
C ILE H 76 -21.34 -30.30 15.03
N CYS H 77 -20.77 -30.15 16.22
CA CYS H 77 -19.39 -29.69 16.32
C CYS H 77 -18.41 -30.70 15.75
N ASN H 78 -18.74 -31.99 15.79
CA ASN H 78 -17.91 -33.03 15.19
C ASN H 78 -18.03 -33.05 13.67
N ALA H 79 -19.20 -32.75 13.13
CA ALA H 79 -19.40 -32.84 11.68
C ALA H 79 -18.44 -31.93 10.92
N VAL H 80 -18.07 -30.79 11.49
CA VAL H 80 -17.16 -29.88 10.80
C VAL H 80 -15.70 -30.22 11.08
N GLY H 81 -15.38 -30.63 12.30
CA GLY H 81 -14.02 -30.99 12.61
C GLY H 81 -13.44 -30.28 13.82
N LEU H 82 -14.29 -29.75 14.69
CA LEU H 82 -13.80 -29.01 15.84
C LEU H 82 -13.64 -29.88 17.07
N CYS H 83 -14.23 -31.07 17.10
CA CYS H 83 -14.09 -32.00 18.21
C CYS H 83 -13.97 -33.40 17.64
N PRO H 84 -13.08 -34.24 18.17
CA PRO H 84 -12.97 -35.59 17.62
C PRO H 84 -14.03 -36.55 18.17
#